data_4R3F
#
_entry.id   4R3F
#
_cell.length_a   58.613
_cell.length_b   58.652
_cell.length_c   59.305
_cell.angle_alpha   90.00
_cell.angle_beta   90.00
_cell.angle_gamma   90.00
#
_symmetry.space_group_name_H-M   'P 21 21 21'
#
loop_
_entity.id
_entity.type
_entity.pdbx_description
1 polymer 'spliceosomal protein CWC27'
2 non-polymer 1,2-ETHANEDIOL
3 non-polymer 3,6,9,12,15,18,21,24-OCTAOXAHEXACOSAN-1-OL
4 non-polymer 'ACETATE ION'
5 water water
#
_entity_poly.entity_id   1
_entity_poly.type   'polypeptide(L)'
_entity_poly.pdbx_seq_one_letter_code
;GAMGSTIYNLEPQPTGAVIIHTTQGDLKVELFAKQTPLTCRNFLQHSLDGYYDGTIFHRLVPGFIIQGGDPTGTGHGGES
IYDGGAFSGDLDPWPMDQRKGHNAGPMGVNFKDEFHSRLKFNRRGLLGMANEGAPDTNGSQFFFTLGKAEELNNKNTLFG
RVAAGDTIYNLMKWGEAELIEGTERPQYPVKITNIEILLNPFPD
;
_entity_poly.pdbx_strand_id   A
#
loop_
_chem_comp.id
_chem_comp.type
_chem_comp.name
_chem_comp.formula
ACT non-polymer 'ACETATE ION' 'C2 H3 O2 -1'
EDO non-polymer 1,2-ETHANEDIOL 'C2 H6 O2'
PE5 non-polymer 3,6,9,12,15,18,21,24-OCTAOXAHEXACOSAN-1-OL 'C18 H38 O9'
#
# COMPACT_ATOMS: atom_id res chain seq x y z
N ASN A 9 -3.60 21.52 -10.59
CA ASN A 9 -2.59 21.11 -9.61
C ASN A 9 -2.02 19.73 -9.91
N LEU A 10 -0.74 19.57 -9.59
CA LEU A 10 -0.06 18.30 -9.79
C LEU A 10 0.59 17.83 -8.50
N GLU A 11 0.61 16.53 -8.33
CA GLU A 11 1.29 15.89 -7.23
C GLU A 11 2.80 16.13 -7.37
N PRO A 12 3.53 16.04 -6.26
CA PRO A 12 4.99 16.11 -6.37
C PRO A 12 5.52 14.93 -7.19
N GLN A 13 6.69 15.13 -7.78
CA GLN A 13 7.30 14.10 -8.61
C GLN A 13 7.55 12.83 -7.81
N PRO A 14 6.99 11.68 -8.24
CA PRO A 14 7.36 10.43 -7.57
C PRO A 14 8.81 10.06 -7.85
N THR A 15 9.43 9.38 -6.91
CA THR A 15 10.84 9.07 -6.98
C THR A 15 11.14 7.57 -7.03
N GLY A 16 10.13 6.73 -6.93
CA GLY A 16 10.30 5.29 -7.08
C GLY A 16 9.31 4.70 -8.05
N ALA A 17 9.55 3.48 -8.51
CA ALA A 17 8.62 2.81 -9.39
C ALA A 17 8.80 1.30 -9.36
N VAL A 18 7.68 0.60 -9.53
CA VAL A 18 7.66 -0.86 -9.64
C VAL A 18 6.64 -1.27 -10.70
N ILE A 19 6.72 -2.53 -11.11
CA ILE A 19 5.62 -3.19 -11.82
C ILE A 19 5.16 -4.35 -10.95
N ILE A 20 3.89 -4.33 -10.62
CA ILE A 20 3.25 -5.46 -9.95
C ILE A 20 2.75 -6.40 -11.05
N HIS A 21 3.38 -7.57 -11.16
CA HIS A 21 2.96 -8.59 -12.12
C HIS A 21 1.93 -9.47 -11.45
N THR A 22 0.82 -9.74 -12.13
CA THR A 22 -0.26 -10.53 -11.55
C THR A 22 -0.82 -11.51 -12.56
N THR A 23 -1.68 -12.39 -12.08
CA THR A 23 -2.35 -13.36 -12.93
C THR A 23 -3.40 -12.71 -13.82
N GLN A 24 -3.69 -11.44 -13.61
CA GLN A 24 -4.69 -10.69 -14.38
C GLN A 24 -4.14 -9.37 -14.91
N GLY A 25 -2.85 -9.39 -15.27
CA GLY A 25 -2.20 -8.26 -15.93
C GLY A 25 -1.24 -7.51 -15.01
N ASP A 26 -0.40 -6.69 -15.62
CA ASP A 26 0.57 -5.87 -14.93
C ASP A 26 -0.05 -4.56 -14.44
N LEU A 27 0.52 -4.03 -13.37
CA LEU A 27 0.20 -2.69 -12.91
C LEU A 27 1.49 -1.96 -12.61
N LYS A 28 1.77 -0.92 -13.40
CA LYS A 28 2.95 -0.10 -13.20
C LYS A 28 2.62 1.01 -12.23
N VAL A 29 3.46 1.19 -11.20
CA VAL A 29 3.15 2.03 -10.05
C VAL A 29 4.33 2.94 -9.74
N GLU A 30 4.05 4.23 -9.60
CA GLU A 30 5.02 5.20 -9.14
C GLU A 30 4.81 5.47 -7.64
N LEU A 31 5.90 5.72 -6.93
CA LEU A 31 5.90 5.85 -5.48
C LEU A 31 6.36 7.25 -5.06
N PHE A 32 5.59 7.87 -4.16
CA PHE A 32 5.91 9.19 -3.62
C PHE A 32 6.87 9.07 -2.45
N ALA A 33 8.05 8.53 -2.72
CA ALA A 33 8.95 8.14 -1.65
C ALA A 33 9.52 9.33 -0.89
N LYS A 34 9.66 10.47 -1.54
CA LYS A 34 10.14 11.66 -0.82
C LYS A 34 9.17 12.07 0.28
N GLN A 35 7.88 11.94 0.02
CA GLN A 35 6.85 12.40 0.94
C GLN A 35 6.42 11.31 1.94
N THR A 36 6.58 10.05 1.57
CA THR A 36 6.10 8.92 2.37
C THR A 36 7.21 7.88 2.50
N PRO A 37 8.35 8.29 3.07
CA PRO A 37 9.51 7.38 3.04
C PRO A 37 9.33 6.09 3.85
N LEU A 38 8.71 6.15 5.02
CA LEU A 38 8.55 4.92 5.78
C LEU A 38 7.62 3.96 5.06
N THR A 39 6.58 4.51 4.46
CA THR A 39 5.57 3.68 3.81
C THR A 39 6.16 3.07 2.55
N CYS A 40 6.87 3.88 1.78
CA CYS A 40 7.51 3.35 0.58
C CYS A 40 8.59 2.32 0.88
N ARG A 41 9.39 2.55 1.92
N ARG A 41 9.37 2.53 1.93
CA ARG A 41 10.38 1.56 2.34
CA ARG A 41 10.39 1.55 2.29
C ARG A 41 9.73 0.23 2.68
C ARG A 41 9.78 0.22 2.75
N ASN A 42 8.69 0.29 3.50
CA ASN A 42 7.98 -0.92 3.93
C ASN A 42 7.50 -1.70 2.71
N PHE A 43 6.85 -1.00 1.78
CA PHE A 43 6.35 -1.64 0.58
C PHE A 43 7.46 -2.23 -0.29
N LEU A 44 8.51 -1.46 -0.50
CA LEU A 44 9.62 -1.92 -1.35
C LEU A 44 10.41 -3.04 -0.71
N GLN A 45 10.65 -2.97 0.59
CA GLN A 45 11.39 -4.04 1.26
C GLN A 45 10.60 -5.34 1.23
N HIS A 46 9.32 -5.27 1.58
CA HIS A 46 8.48 -6.47 1.45
C HIS A 46 8.48 -6.99 0.01
N SER A 47 8.38 -6.09 -0.97
CA SER A 47 8.38 -6.51 -2.37
C SER A 47 9.65 -7.28 -2.71
N LEU A 48 10.80 -6.68 -2.39
CA LEU A 48 12.13 -7.26 -2.63
C LEU A 48 12.28 -8.62 -1.99
N ASP A 49 11.74 -8.75 -0.78
CA ASP A 49 11.86 -9.98 0.01
C ASP A 49 10.95 -11.10 -0.51
N GLY A 50 10.06 -10.78 -1.43
CA GLY A 50 9.09 -11.75 -1.92
C GLY A 50 7.88 -11.90 -1.03
N TYR A 51 7.72 -10.99 -0.07
CA TYR A 51 6.63 -11.07 0.90
C TYR A 51 5.25 -11.02 0.28
N TYR A 52 5.13 -10.32 -0.84
CA TYR A 52 3.85 -10.18 -1.52
C TYR A 52 3.64 -11.20 -2.64
N ASP A 53 4.65 -12.05 -2.89
CA ASP A 53 4.52 -13.05 -3.95
C ASP A 53 3.42 -14.05 -3.56
N GLY A 54 2.48 -14.26 -4.47
CA GLY A 54 1.37 -15.17 -4.25
C GLY A 54 0.21 -14.59 -3.45
N THR A 55 0.34 -13.35 -3.00
CA THR A 55 -0.76 -12.71 -2.27
C THR A 55 -1.80 -12.21 -3.25
N ILE A 56 -3.04 -12.11 -2.78
CA ILE A 56 -4.16 -11.75 -3.63
C ILE A 56 -4.70 -10.37 -3.26
N PHE A 57 -5.55 -9.84 -4.12
CA PHE A 57 -6.36 -8.69 -3.78
C PHE A 57 -7.66 -9.22 -3.21
N HIS A 58 -7.71 -9.31 -1.88
CA HIS A 58 -8.74 -10.05 -1.16
C HIS A 58 -10.01 -9.28 -0.90
N ARG A 59 -9.99 -7.96 -1.06
CA ARG A 59 -11.12 -7.11 -0.72
C ARG A 59 -11.38 -6.13 -1.85
N LEU A 60 -12.62 -6.13 -2.32
CA LEU A 60 -13.06 -5.24 -3.40
C LEU A 60 -14.37 -4.57 -3.01
N VAL A 61 -14.33 -3.24 -2.96
CA VAL A 61 -15.52 -2.42 -2.80
C VAL A 61 -15.66 -1.67 -4.12
N PRO A 62 -16.55 -2.15 -5.01
CA PRO A 62 -16.65 -1.58 -6.36
C PRO A 62 -16.82 -0.07 -6.34
N GLY A 63 -16.05 0.60 -7.21
CA GLY A 63 -16.08 2.05 -7.30
C GLY A 63 -15.35 2.79 -6.19
N PHE A 64 -14.78 2.06 -5.24
CA PHE A 64 -14.13 2.67 -4.08
C PHE A 64 -12.67 2.22 -3.96
N ILE A 65 -12.42 0.99 -3.53
CA ILE A 65 -11.06 0.49 -3.34
C ILE A 65 -10.96 -1.01 -3.63
N ILE A 66 -9.74 -1.43 -3.97
CA ILE A 66 -9.38 -2.84 -4.01
C ILE A 66 -8.09 -2.99 -3.21
N GLN A 67 -8.07 -3.96 -2.30
CA GLN A 67 -7.04 -4.08 -1.26
C GLN A 67 -6.36 -5.44 -1.28
N GLY A 68 -5.06 -5.41 -1.03
CA GLY A 68 -4.24 -6.61 -0.94
C GLY A 68 -3.13 -6.46 0.07
N GLY A 69 -2.08 -7.26 -0.11
CA GLY A 69 -0.90 -7.18 0.72
C GLY A 69 -0.90 -8.02 1.98
N ASP A 70 -1.85 -8.95 2.11
CA ASP A 70 -1.98 -9.78 3.30
C ASP A 70 -1.51 -11.21 3.00
N PRO A 71 -0.38 -11.65 3.56
CA PRO A 71 0.04 -13.03 3.32
C PRO A 71 -0.98 -14.09 3.72
N THR A 72 -1.94 -13.74 4.57
CA THR A 72 -3.00 -14.68 4.95
C THR A 72 -4.24 -14.57 4.06
N GLY A 73 -4.35 -13.51 3.28
CA GLY A 73 -5.48 -13.33 2.37
C GLY A 73 -6.82 -13.10 3.05
N THR A 74 -6.81 -12.82 4.35
CA THR A 74 -8.04 -12.64 5.14
C THR A 74 -8.45 -11.20 5.34
N GLY A 75 -7.50 -10.29 5.19
CA GLY A 75 -7.74 -8.91 5.51
C GLY A 75 -7.30 -8.60 6.92
N HIS A 76 -6.89 -9.62 7.67
CA HIS A 76 -6.51 -9.39 9.07
C HIS A 76 -5.05 -9.72 9.37
N GLY A 77 -4.27 -10.06 8.35
CA GLY A 77 -2.86 -10.39 8.56
C GLY A 77 -1.89 -9.40 7.98
N GLY A 78 -0.62 -9.78 8.01
CA GLY A 78 0.45 -8.93 7.54
C GLY A 78 1.11 -8.15 8.66
N GLU A 79 2.37 -7.81 8.47
CA GLU A 79 3.16 -7.08 9.46
C GLU A 79 4.04 -6.08 8.74
N SER A 80 4.29 -4.92 9.35
CA SER A 80 5.26 -3.99 8.80
C SER A 80 6.68 -4.49 9.05
N ILE A 81 7.61 -3.96 8.27
CA ILE A 81 9.01 -4.32 8.42
C ILE A 81 9.61 -3.77 9.73
N TYR A 82 8.94 -2.82 10.37
CA TYR A 82 9.46 -2.13 11.55
C TYR A 82 9.18 -2.87 12.86
N ASP A 83 8.32 -3.87 12.80
CA ASP A 83 7.80 -4.48 14.03
C ASP A 83 8.93 -5.06 14.88
N GLY A 84 8.78 -4.92 16.20
CA GLY A 84 9.78 -5.43 17.12
C GLY A 84 11.02 -4.57 17.21
N GLY A 85 10.93 -3.32 16.77
CA GLY A 85 12.08 -2.44 16.79
C GLY A 85 13.09 -2.73 15.71
N ALA A 86 12.69 -3.45 14.66
CA ALA A 86 13.57 -3.61 13.51
C ALA A 86 13.79 -2.25 12.87
N PHE A 87 15.01 -2.01 12.41
CA PHE A 87 15.38 -0.76 11.74
C PHE A 87 15.18 0.47 12.63
N SER A 88 15.53 0.32 13.92
CA SER A 88 15.31 1.36 14.91
C SER A 88 16.60 1.90 15.50
N GLY A 89 17.74 1.54 14.93
CA GLY A 89 19.01 2.10 15.33
C GLY A 89 19.14 3.59 15.02
N ASP A 90 20.15 4.21 15.62
CA ASP A 90 20.34 5.66 15.50
C ASP A 90 20.45 6.11 14.04
N LEU A 91 21.06 5.28 13.19
CA LEU A 91 21.30 5.66 11.80
C LEU A 91 20.38 4.90 10.85
N ASP A 92 19.36 4.25 11.41
CA ASP A 92 18.39 3.49 10.63
C ASP A 92 17.23 4.34 10.19
N PRO A 93 16.36 3.79 9.31
CA PRO A 93 15.23 4.56 8.77
C PRO A 93 14.23 5.14 9.78
N TRP A 94 14.00 4.49 10.91
CA TRP A 94 13.02 5.01 11.85
C TRP A 94 13.52 4.75 13.27
N PRO A 95 14.42 5.60 13.76
CA PRO A 95 15.02 5.42 15.08
C PRO A 95 13.98 5.26 16.17
N MET A 96 14.30 4.44 17.17
CA MET A 96 13.35 4.09 18.20
C MET A 96 12.68 5.30 18.88
N ASP A 97 13.45 6.35 19.11
N ASP A 97 13.44 6.36 19.10
CA ASP A 97 12.94 7.54 19.78
CA ASP A 97 12.92 7.54 19.79
C ASP A 97 11.83 8.27 19.01
C ASP A 97 11.79 8.23 19.03
N GLN A 98 11.70 7.96 17.73
CA GLN A 98 10.65 8.55 16.89
C GLN A 98 9.34 7.76 16.96
N ARG A 99 9.36 6.58 17.56
CA ARG A 99 8.20 5.70 17.60
C ARG A 99 7.43 5.96 18.88
N LYS A 100 6.10 6.05 18.75
CA LYS A 100 5.23 6.34 19.88
C LYS A 100 4.26 5.23 20.14
N GLY A 101 3.80 5.16 21.38
CA GLY A 101 2.76 4.23 21.75
C GLY A 101 3.06 2.80 21.37
N HIS A 102 2.06 2.15 20.78
N HIS A 102 2.06 2.17 20.76
CA HIS A 102 2.20 0.73 20.45
CA HIS A 102 2.17 0.77 20.44
C HIS A 102 3.17 0.48 19.29
C HIS A 102 3.19 0.49 19.33
N ASN A 103 3.60 1.52 18.60
CA ASN A 103 4.65 1.35 17.58
C ASN A 103 6.03 1.18 18.24
N ALA A 104 6.18 1.54 19.51
CA ALA A 104 7.50 1.62 20.13
C ALA A 104 7.91 0.38 20.90
N GLY A 105 9.22 0.25 21.09
CA GLY A 105 9.80 -0.81 21.92
C GLY A 105 10.01 -2.13 21.20
N PRO A 106 10.59 -3.12 21.92
CA PRO A 106 10.92 -4.41 21.31
C PRO A 106 9.71 -5.25 20.96
N MET A 107 8.54 -4.87 21.49
CA MET A 107 7.28 -5.49 21.10
C MET A 107 6.39 -4.53 20.28
N GLY A 108 6.99 -3.48 19.75
CA GLY A 108 6.24 -2.55 18.92
C GLY A 108 5.66 -3.21 17.69
N VAL A 109 4.52 -2.72 17.24
CA VAL A 109 3.91 -3.17 16.01
C VAL A 109 3.38 -1.96 15.24
N ASN A 110 3.44 -2.07 13.92
CA ASN A 110 2.93 -1.09 12.96
C ASN A 110 3.80 0.15 12.87
N PHE A 111 3.46 1.03 11.94
CA PHE A 111 4.19 2.29 11.81
C PHE A 111 3.26 3.43 11.51
N LYS A 112 3.82 4.63 11.59
CA LYS A 112 3.04 5.86 11.54
C LYS A 112 2.45 6.17 10.16
N ASP A 113 1.36 6.93 10.20
CA ASP A 113 0.81 7.59 9.03
C ASP A 113 1.78 8.64 8.49
N GLU A 114 1.71 8.87 7.18
CA GLU A 114 2.52 9.90 6.52
C GLU A 114 1.64 10.66 5.56
N PHE A 115 0.80 11.54 6.10
CA PHE A 115 -0.06 12.38 5.28
C PHE A 115 0.72 13.54 4.64
N HIS A 116 0.19 14.10 3.57
CA HIS A 116 0.85 15.20 2.88
C HIS A 116 -0.18 16.08 2.20
N SER A 117 0.06 17.39 2.25
CA SER A 117 -0.88 18.38 1.73
C SER A 117 -1.16 18.28 0.22
N ARG A 118 -0.25 17.69 -0.54
CA ARG A 118 -0.43 17.59 -2.00
C ARG A 118 -0.81 16.20 -2.44
N LEU A 119 -1.06 15.31 -1.48
CA LEU A 119 -1.45 13.94 -1.79
C LEU A 119 -2.85 13.68 -1.25
N LYS A 120 -3.82 13.66 -2.15
CA LYS A 120 -5.23 13.51 -1.83
C LYS A 120 -5.87 12.43 -2.70
N PHE A 121 -6.83 11.70 -2.14
CA PHE A 121 -7.47 10.59 -2.82
C PHE A 121 -8.60 11.13 -3.72
N ASN A 122 -8.21 11.81 -4.79
CA ASN A 122 -9.16 12.57 -5.60
C ASN A 122 -9.59 11.87 -6.86
N ARG A 123 -9.12 10.64 -7.09
CA ARG A 123 -9.42 9.94 -8.34
C ARG A 123 -8.98 8.51 -8.20
N ARG A 124 -9.38 7.68 -9.15
N ARG A 124 -9.39 7.69 -9.17
CA ARG A 124 -8.95 6.30 -9.18
CA ARG A 124 -8.96 6.31 -9.31
C ARG A 124 -7.48 6.17 -9.57
C ARG A 124 -7.44 6.21 -9.49
N GLY A 125 -6.91 5.02 -9.21
CA GLY A 125 -5.53 4.72 -9.50
C GLY A 125 -4.53 5.24 -8.50
N LEU A 126 -4.97 5.58 -7.30
CA LEU A 126 -4.08 6.05 -6.25
C LEU A 126 -3.83 4.92 -5.26
N LEU A 127 -2.57 4.82 -4.82
CA LEU A 127 -2.13 3.75 -3.94
C LEU A 127 -2.05 4.27 -2.51
N GLY A 128 -2.85 3.65 -1.63
CA GLY A 128 -2.88 4.01 -0.22
C GLY A 128 -2.47 2.85 0.67
N MET A 129 -2.07 3.18 1.89
CA MET A 129 -1.74 2.19 2.88
C MET A 129 -2.98 1.89 3.71
N ALA A 130 -3.39 0.62 3.76
CA ALA A 130 -4.50 0.22 4.61
C ALA A 130 -4.04 0.20 6.05
N ASN A 131 -4.99 0.39 6.97
CA ASN A 131 -4.69 0.36 8.38
C ASN A 131 -5.85 -0.23 9.15
N GLU A 132 -5.78 -0.17 10.48
CA GLU A 132 -6.77 -0.81 11.33
C GLU A 132 -7.95 0.09 11.68
N GLY A 133 -7.97 1.28 11.12
CA GLY A 133 -9.04 2.24 11.40
C GLY A 133 -8.73 3.19 12.55
N ALA A 134 -7.48 3.20 12.98
CA ALA A 134 -7.00 4.15 13.98
C ALA A 134 -5.61 4.66 13.55
N PRO A 135 -5.17 5.79 14.10
CA PRO A 135 -3.88 6.34 13.68
C PRO A 135 -2.70 5.40 13.94
N ASP A 136 -1.73 5.45 13.03
CA ASP A 136 -0.45 4.78 13.17
C ASP A 136 -0.61 3.26 13.33
N THR A 137 -1.47 2.66 12.50
CA THR A 137 -1.69 1.22 12.53
C THR A 137 -1.44 0.57 11.18
N ASN A 138 -0.45 1.08 10.47
CA ASN A 138 -0.04 0.54 9.17
C ASN A 138 0.81 -0.70 9.33
N GLY A 139 0.46 -1.74 8.56
CA GLY A 139 1.11 -3.04 8.60
C GLY A 139 1.74 -3.34 7.26
N SER A 140 1.14 -4.26 6.50
CA SER A 140 1.62 -4.59 5.15
C SER A 140 0.58 -4.40 4.05
N GLN A 141 -0.68 -4.18 4.41
CA GLN A 141 -1.75 -4.14 3.43
C GLN A 141 -1.88 -2.76 2.78
N PHE A 142 -2.22 -2.78 1.49
CA PHE A 142 -2.30 -1.58 0.67
C PHE A 142 -3.49 -1.72 -0.27
N PHE A 143 -3.92 -0.59 -0.83
CA PHE A 143 -5.08 -0.59 -1.70
C PHE A 143 -4.92 0.42 -2.81
N PHE A 144 -5.67 0.21 -3.89
CA PHE A 144 -5.80 1.18 -4.95
C PHE A 144 -7.23 1.72 -4.97
N THR A 145 -7.35 3.02 -5.21
CA THR A 145 -8.67 3.60 -5.41
C THR A 145 -9.22 3.24 -6.79
N LEU A 146 -10.54 3.13 -6.83
CA LEU A 146 -11.29 2.83 -8.05
C LEU A 146 -12.18 4.00 -8.44
N GLY A 147 -12.08 5.08 -7.67
CA GLY A 147 -12.82 6.30 -7.91
C GLY A 147 -12.34 7.33 -6.90
N LYS A 148 -12.95 8.51 -6.94
CA LYS A 148 -12.70 9.54 -5.96
C LYS A 148 -13.04 8.99 -4.57
N ALA A 149 -12.20 9.29 -3.58
CA ALA A 149 -12.35 8.70 -2.24
C ALA A 149 -11.81 9.65 -1.18
N GLU A 150 -12.33 10.87 -1.18
N GLU A 150 -12.25 10.90 -1.22
CA GLU A 150 -11.81 11.92 -0.32
CA GLU A 150 -11.63 11.93 -0.38
C GLU A 150 -12.09 11.66 1.16
C GLU A 150 -11.91 11.70 1.11
N GLU A 151 -12.96 10.71 1.48
N GLU A 151 -12.89 10.85 1.43
CA GLU A 151 -13.18 10.34 2.86
CA GLU A 151 -13.12 10.46 2.82
C GLU A 151 -11.93 9.69 3.47
C GLU A 151 -11.89 9.80 3.46
N LEU A 152 -10.99 9.29 2.61
CA LEU A 152 -9.75 8.66 3.09
C LEU A 152 -8.64 9.68 3.37
N ASN A 153 -8.85 10.93 2.97
CA ASN A 153 -7.84 11.95 3.24
C ASN A 153 -7.66 12.11 4.75
N ASN A 154 -6.41 12.14 5.19
CA ASN A 154 -6.07 12.23 6.61
C ASN A 154 -6.54 11.02 7.42
N LYS A 155 -6.82 9.92 6.72
N LYS A 155 -6.83 9.93 6.72
CA LYS A 155 -7.08 8.63 7.37
CA LYS A 155 -7.12 8.64 7.35
C LYS A 155 -6.06 7.62 6.91
C LYS A 155 -6.10 7.60 6.90
N ASN A 156 -5.82 7.56 5.61
CA ASN A 156 -4.85 6.63 5.03
C ASN A 156 -3.70 7.39 4.40
N THR A 157 -2.49 6.89 4.58
CA THR A 157 -1.35 7.38 3.83
C THR A 157 -1.56 7.12 2.36
N LEU A 158 -1.31 8.12 1.53
CA LEU A 158 -1.30 7.99 0.07
C LEU A 158 0.17 7.95 -0.33
N PHE A 159 0.62 6.82 -0.87
CA PHE A 159 2.05 6.64 -1.15
C PHE A 159 2.42 6.35 -2.59
N GLY A 160 1.44 6.25 -3.49
CA GLY A 160 1.79 6.06 -4.88
C GLY A 160 0.63 6.27 -5.81
N ARG A 161 0.86 5.99 -7.09
CA ARG A 161 -0.17 6.12 -8.11
C ARG A 161 0.16 5.19 -9.27
N VAL A 162 -0.85 4.76 -10.00
CA VAL A 162 -0.59 4.04 -11.23
C VAL A 162 0.10 4.97 -12.22
N ALA A 163 1.18 4.47 -12.83
CA ALA A 163 2.03 5.23 -13.75
C ALA A 163 1.33 5.40 -15.09
N ALA A 164 1.72 6.45 -15.80
CA ALA A 164 1.26 6.66 -17.17
C ALA A 164 1.44 5.41 -18.01
N GLY A 165 0.50 5.19 -18.93
CA GLY A 165 0.52 4.03 -19.79
C GLY A 165 -0.77 3.25 -19.66
N ASP A 166 -0.83 2.06 -20.23
N ASP A 166 -0.75 2.03 -20.20
CA ASP A 166 -2.11 1.37 -20.32
CA ASP A 166 -1.93 1.20 -20.40
C ASP A 166 -2.42 0.43 -19.16
C ASP A 166 -2.43 0.50 -19.14
N THR A 167 -1.57 0.36 -18.13
CA THR A 167 -1.86 -0.58 -17.06
C THR A 167 -3.03 -0.14 -16.16
N ILE A 168 -3.40 1.13 -16.17
CA ILE A 168 -4.58 1.54 -15.43
C ILE A 168 -5.82 0.72 -15.86
N TYR A 169 -5.88 0.30 -17.13
CA TYR A 169 -7.01 -0.50 -17.58
C TYR A 169 -7.11 -1.83 -16.86
N ASN A 170 -5.98 -2.39 -16.44
CA ASN A 170 -6.04 -3.62 -15.66
C ASN A 170 -6.66 -3.36 -14.30
N LEU A 171 -6.22 -2.32 -13.61
CA LEU A 171 -6.80 -2.00 -12.31
C LEU A 171 -8.30 -1.85 -12.43
N MET A 172 -8.76 -1.12 -13.45
CA MET A 172 -10.18 -0.91 -13.54
C MET A 172 -10.96 -2.18 -13.84
N LYS A 173 -10.38 -3.08 -14.63
CA LYS A 173 -11.03 -4.37 -14.83
C LYS A 173 -11.09 -5.19 -13.53
N TRP A 174 -10.04 -5.15 -12.72
CA TRP A 174 -10.06 -5.86 -11.44
C TRP A 174 -11.22 -5.35 -10.60
N GLY A 175 -11.51 -4.05 -10.73
CA GLY A 175 -12.59 -3.44 -9.96
C GLY A 175 -13.98 -3.88 -10.39
N GLU A 176 -14.08 -4.55 -11.53
CA GLU A 176 -15.35 -5.03 -12.06
C GLU A 176 -15.58 -6.52 -11.78
N ALA A 177 -14.72 -7.12 -10.96
CA ALA A 177 -14.79 -8.56 -10.70
C ALA A 177 -16.06 -8.97 -9.96
N GLU A 178 -16.49 -10.21 -10.24
CA GLU A 178 -17.58 -10.81 -9.49
C GLU A 178 -17.17 -11.04 -8.04
N LEU A 179 -18.08 -10.75 -7.11
CA LEU A 179 -17.87 -11.02 -5.69
C LEU A 179 -18.56 -12.30 -5.20
N ILE A 180 -17.97 -12.95 -4.21
CA ILE A 180 -18.61 -14.06 -3.52
C ILE A 180 -19.75 -13.48 -2.72
N GLU A 181 -20.94 -14.07 -2.88
CA GLU A 181 -22.14 -13.53 -2.28
C GLU A 181 -21.98 -13.37 -0.77
N GLY A 182 -22.37 -12.20 -0.27
CA GLY A 182 -22.27 -11.89 1.13
C GLY A 182 -20.90 -11.42 1.59
N THR A 183 -19.97 -11.23 0.65
CA THR A 183 -18.61 -10.81 0.99
C THR A 183 -18.11 -9.67 0.12
N GLU A 184 -16.93 -9.15 0.46
CA GLU A 184 -16.19 -8.24 -0.40
C GLU A 184 -15.04 -8.97 -1.05
N ARG A 185 -15.12 -10.29 -1.13
N ARG A 185 -15.13 -10.29 -1.13
CA ARG A 185 -14.04 -11.10 -1.67
CA ARG A 185 -14.07 -11.11 -1.67
C ARG A 185 -14.35 -11.52 -3.11
C ARG A 185 -14.38 -11.49 -3.13
N PRO A 186 -13.47 -11.16 -4.06
CA PRO A 186 -13.69 -11.58 -5.44
C PRO A 186 -13.73 -13.11 -5.56
N GLN A 187 -14.60 -13.61 -6.43
N GLN A 187 -14.61 -13.61 -6.43
CA GLN A 187 -14.68 -15.04 -6.71
CA GLN A 187 -14.68 -15.04 -6.72
C GLN A 187 -13.39 -15.56 -7.34
C GLN A 187 -13.37 -15.55 -7.29
N TYR A 188 -12.76 -14.72 -8.14
CA TYR A 188 -11.54 -15.08 -8.86
C TYR A 188 -10.52 -13.96 -8.63
N PRO A 189 -9.90 -13.95 -7.43
CA PRO A 189 -9.04 -12.81 -7.10
C PRO A 189 -7.79 -12.70 -7.97
N VAL A 190 -7.35 -11.47 -8.14
CA VAL A 190 -6.06 -11.16 -8.72
C VAL A 190 -4.98 -11.65 -7.78
N LYS A 191 -3.99 -12.36 -8.32
CA LYS A 191 -2.87 -12.85 -7.52
C LYS A 191 -1.54 -12.27 -8.03
N ILE A 192 -0.78 -11.68 -7.13
CA ILE A 192 0.53 -11.16 -7.45
C ILE A 192 1.50 -12.31 -7.67
N THR A 193 2.22 -12.27 -8.78
CA THR A 193 3.21 -13.30 -9.07
C THR A 193 4.59 -12.82 -8.63
N ASN A 194 4.91 -11.58 -8.93
CA ASN A 194 6.14 -10.98 -8.44
C ASN A 194 6.06 -9.47 -8.66
N ILE A 195 6.92 -8.75 -7.96
CA ILE A 195 6.99 -7.31 -8.05
C ILE A 195 8.40 -6.94 -8.51
N GLU A 196 8.45 -6.26 -9.64
CA GLU A 196 9.69 -5.89 -10.30
C GLU A 196 9.99 -4.44 -9.94
N ILE A 197 11.14 -4.19 -9.32
CA ILE A 197 11.49 -2.84 -8.94
C ILE A 197 12.23 -2.15 -10.10
N LEU A 198 11.63 -1.09 -10.62
CA LEU A 198 12.21 -0.31 -11.71
C LEU A 198 13.15 0.77 -11.21
N LEU A 199 12.79 1.41 -10.10
CA LEU A 199 13.59 2.48 -9.53
C LEU A 199 13.37 2.45 -8.03
N ASN A 200 14.43 2.10 -7.31
CA ASN A 200 14.42 2.08 -5.86
C ASN A 200 15.10 3.33 -5.40
N PRO A 201 14.36 4.23 -4.78
CA PRO A 201 14.98 5.50 -4.45
C PRO A 201 15.71 5.54 -3.13
N PHE A 202 15.71 4.45 -2.39
CA PHE A 202 16.40 4.45 -1.11
C PHE A 202 17.85 4.03 -1.24
N PRO A 203 18.75 4.59 -0.40
CA PRO A 203 20.15 4.20 -0.43
C PRO A 203 20.38 2.76 -0.02
N ASP A 204 21.46 2.16 -0.52
CA ASP A 204 21.95 0.91 0.00
C ASP A 204 22.32 1.11 1.47
C1 EDO B . -6.20 -16.74 -8.21
O1 EDO B . -5.48 -16.99 -9.43
C2 EDO B . -7.69 -16.94 -8.40
O2 EDO B . -8.20 -16.01 -9.36
H11 EDO B . -6.00 -15.71 -7.88
H12 EDO B . -5.84 -17.41 -7.43
HO1 EDO B . -4.54 -16.86 -9.28
H21 EDO B . -8.21 -16.81 -7.45
H22 EDO B . -7.88 -17.96 -8.74
HO2 EDO B . -9.16 -16.15 -9.47
C1 EDO C . 10.66 -11.66 -6.23
O1 EDO C . 10.34 -12.48 -5.11
C2 EDO C . 10.06 -10.27 -6.05
O2 EDO C . 8.64 -10.26 -6.23
H11 EDO C . 11.75 -11.58 -6.33
H12 EDO C . 10.27 -12.11 -7.14
HO1 EDO C . 10.72 -13.36 -5.23
H21 EDO C . 10.29 -9.91 -5.04
H22 EDO C . 10.52 -9.58 -6.76
HO2 EDO C . 8.30 -9.37 -6.11
C1 EDO D . -9.15 0.86 2.46
O1 EDO D . -8.38 0.24 3.48
C2 EDO D . -9.69 2.20 2.89
O2 EDO D . -10.52 2.03 4.02
H11 EDO D . -9.98 0.21 2.19
H12 EDO D . -8.53 0.99 1.57
HO1 EDO D . -8.05 -0.62 3.17
H21 EDO D . -10.25 2.66 2.08
H22 EDO D . -8.85 2.87 3.14
HO2 EDO D . -10.87 2.90 4.31
C1 EDO E . -3.02 -18.89 3.35
O1 EDO E . -3.02 -19.12 1.94
C2 EDO E . -1.60 -18.78 3.89
O2 EDO E . -1.66 -18.46 5.29
H11 EDO E . -3.53 -19.72 3.86
H12 EDO E . -3.57 -17.98 3.57
HO1 EDO E . -3.93 -19.20 1.63
H21 EDO E . -1.07 -18.00 3.35
H22 EDO E . -1.07 -19.72 3.75
HO2 EDO E . -0.76 -18.37 5.63
C1 EDO F . -10.13 16.35 3.01
O1 EDO F . -10.98 15.94 1.92
C2 EDO F . -8.87 17.04 2.48
O2 EDO F . -7.83 16.91 3.46
H11 EDO F . -10.68 17.05 3.65
H12 EDO F . -9.85 15.49 3.60
HO1 EDO F . -11.76 15.51 2.28
H21 EDO F . -9.07 18.09 2.29
H22 EDO F . -8.56 16.57 1.55
HO2 EDO F . -7.03 17.34 3.14
C1 EDO G . 15.77 12.29 0.08
O1 EDO G . 15.13 13.37 -0.59
C2 EDO G . 15.24 12.18 1.50
O2 EDO G . 13.82 12.10 1.46
H11 EDO G . 16.85 12.45 0.10
H12 EDO G . 15.57 11.35 -0.46
HO1 EDO G . 15.46 13.44 -1.49
H21 EDO G . 15.65 11.30 1.98
H22 EDO G . 15.54 13.06 2.08
HO2 EDO G . 13.47 12.03 2.35
C1 EDO H . 2.19 -16.94 -7.49
O1 EDO H . 2.08 -18.22 -8.13
C2 EDO H . 3.46 -16.90 -6.65
O2 EDO H . 4.50 -16.16 -7.31
H11 EDO H . 1.33 -16.78 -6.85
H12 EDO H . 2.23 -16.16 -8.24
HO1 EDO H . 1.28 -18.25 -8.67
H21 EDO H . 3.25 -16.43 -5.68
H22 EDO H . 3.82 -17.91 -6.45
HO2 EDO H . 5.29 -16.15 -6.76
C1 EDO I . 14.24 0.02 0.14
O1 EDO I . 15.60 -0.28 -0.17
C2 EDO I . 13.66 -1.09 1.00
O2 EDO I . 14.50 -1.27 2.14
H11 EDO I . 14.18 0.98 0.69
H12 EDO I . 13.65 0.13 -0.77
HO1 EDO I . 15.97 0.43 -0.71
H21 EDO I . 12.65 -0.83 1.32
H22 EDO I . 13.61 -2.01 0.41
HO2 EDO I . 14.15 -1.98 2.69
C1 EDO J . -3.53 7.11 -11.87
O1 EDO J . -2.91 6.60 -13.07
C2 EDO J . -2.91 8.45 -11.55
O2 EDO J . -3.58 9.42 -12.36
H11 EDO J . -4.61 7.21 -12.03
H12 EDO J . -3.37 6.41 -11.04
HO1 EDO J . -3.28 5.73 -13.28
H21 EDO J . -1.84 8.45 -11.78
H22 EDO J . -3.05 8.68 -10.49
HO2 EDO J . -3.23 10.30 -12.17
O1 PE5 K . -6.62 -16.94 1.39
C1 PE5 K . -6.26 -16.63 0.28
C2 PE5 K . -4.99 -17.32 -0.12
O2 PE5 K . -3.93 -17.02 0.79
C3 PE5 K . -3.40 -15.69 0.67
C4 PE5 K . -2.19 -15.73 -0.21
O3 PE5 K . -1.01 -15.34 0.51
C5 PE5 K . 0.24 -15.88 -0.01
C6 PE5 K . 1.08 -16.47 1.11
O4 PE5 K . 1.91 -15.65 1.52
H11 PE5 K . -6.94 -16.85 -0.38
H12 PE5 K . -6.10 -15.67 0.23
H21 PE5 K . -5.14 -18.28 -0.13
H22 PE5 K . -4.73 -17.03 -1.01
H31 PE5 K . -4.07 -15.10 0.29
H32 PE5 K . -3.15 -15.37 1.54
H41 PE5 K . -2.06 -16.63 -0.56
H42 PE5 K . -2.31 -15.10 -0.96
H51 PE5 K . 0.03 -16.59 -0.65
H52A PE5 K . 0.74 -15.17 -0.46
H61 PE5 K . 0.45 -16.75 1.85
H62 PE5 K . 1.52 -17.29 0.76
C ACT L . 0.91 6.15 17.76
O ACT L . -0.03 6.96 17.64
OXT ACT L . 2.03 6.50 17.34
CH3 ACT L . 0.67 4.81 18.38
H1 ACT L . 1.61 4.25 18.40
H2 ACT L . -0.07 4.26 17.81
H3 ACT L . 0.32 4.94 19.41
#